data_7R8R
#
_entry.id   7R8R
#
_cell.length_a   44.098
_cell.length_b   49.316
_cell.length_c   60.779
_cell.angle_alpha   90.000
_cell.angle_beta   90.000
_cell.angle_gamma   90.000
#
_symmetry.space_group_name_H-M   'P 2 21 21'
#
loop_
_entity.id
_entity.type
_entity.pdbx_description
1 polymer 'Bromodomain-containing protein 3'
2 non-polymer 'Physachenolide C'
3 water water
#
_entity_poly.entity_id   1
_entity_poly.type   'polypeptide(L)'
_entity_poly.pdbx_seq_one_letter_code
;PEVSNPSKPGRKTNQLQYMQNVVVKTLWKHQFAWPFYQPVDAIKLNLPDYHKIIKNPMDMGTIKKRLENNYYWSASECMQ
DFNTMFTNCYIYNKPTDDIVLMAQALEKIFLQKVAQMPQEE
;
_entity_poly.pdbx_strand_id   A
#
loop_
_chem_comp.id
_chem_comp.type
_chem_comp.name
_chem_comp.formula
8L6 non-polymer 'Physachenolide C' 'C30 H42 O9'
#
# COMPACT_ATOMS: atom_id res chain seq x y z
N LYS A 8 18.52 -0.51 -1.97
CA LYS A 8 19.46 0.27 -2.82
C LYS A 8 19.48 -0.33 -4.23
N PRO A 9 19.80 -1.63 -4.45
CA PRO A 9 19.68 -2.21 -5.77
C PRO A 9 18.20 -2.08 -6.18
N GLY A 10 17.93 -1.30 -7.21
CA GLY A 10 16.54 -1.11 -7.66
C GLY A 10 16.44 -1.27 -9.15
N ARG A 11 15.21 -1.35 -9.69
CA ARG A 11 15.08 -1.66 -11.12
C ARG A 11 13.65 -1.58 -11.65
N LYS A 12 13.51 -1.56 -12.97
CA LYS A 12 12.21 -1.60 -13.67
C LYS A 12 12.07 -2.97 -14.36
N THR A 13 11.04 -3.74 -14.01
CA THR A 13 10.68 -5.01 -14.68
C THR A 13 9.27 -4.86 -15.23
N ASN A 14 8.85 -5.85 -16.02
CA ASN A 14 7.45 -5.91 -16.52
C ASN A 14 6.52 -5.91 -15.31
N GLN A 15 6.85 -6.68 -14.28
CA GLN A 15 6.01 -6.76 -13.06
C GLN A 15 5.98 -5.42 -12.31
N LEU A 16 7.12 -4.75 -12.09
CA LEU A 16 7.13 -3.44 -11.37
C LEU A 16 6.37 -2.40 -12.20
N GLN A 17 6.47 -2.48 -13.51
CA GLN A 17 5.76 -1.57 -14.43
C GLN A 17 4.25 -1.76 -14.23
N TYR A 18 3.81 -3.03 -14.17
CA TYR A 18 2.39 -3.38 -13.91
C TYR A 18 1.95 -2.90 -12.52
N MET A 19 2.82 -2.96 -11.50
CA MET A 19 2.48 -2.49 -10.13
C MET A 19 2.22 -0.97 -10.21
N GLN A 20 2.96 -0.22 -11.03
CA GLN A 20 2.73 1.24 -11.15
C GLN A 20 1.44 1.51 -11.97
N ASN A 21 1.34 0.92 -13.15
CA ASN A 21 0.45 1.39 -14.24
C ASN A 21 -0.92 0.74 -14.10
N VAL A 22 -1.02 -0.37 -13.37
CA VAL A 22 -2.30 -1.09 -13.18
C VAL A 22 -2.70 -1.02 -11.70
N VAL A 23 -1.83 -1.48 -10.80
CA VAL A 23 -2.21 -1.68 -9.36
C VAL A 23 -2.34 -0.31 -8.68
N VAL A 24 -1.26 0.47 -8.62
CA VAL A 24 -1.29 1.82 -7.99
C VAL A 24 -2.35 2.66 -8.71
N LYS A 25 -2.33 2.72 -10.04
CA LYS A 25 -3.25 3.60 -10.79
C LYS A 25 -4.71 3.20 -10.51
N THR A 26 -5.04 1.91 -10.43
CA THR A 26 -6.44 1.47 -10.15
C THR A 26 -6.85 1.80 -8.71
N LEU A 27 -5.96 1.50 -7.77
CA LEU A 27 -6.29 1.72 -6.35
C LEU A 27 -6.47 3.22 -6.06
N TRP A 28 -5.61 4.08 -6.62
CA TRP A 28 -5.71 5.54 -6.39
C TRP A 28 -7.14 6.04 -6.67
N LYS A 29 -7.80 5.48 -7.67
CA LYS A 29 -9.11 5.93 -8.19
C LYS A 29 -10.24 5.52 -7.25
N HIS A 30 -10.04 4.55 -6.36
CA HIS A 30 -11.13 3.99 -5.55
C HIS A 30 -11.64 5.09 -4.59
N GLN A 31 -12.94 5.11 -4.29
CA GLN A 31 -13.59 6.11 -3.37
C GLN A 31 -12.98 6.01 -1.96
N PHE A 32 -12.47 4.86 -1.56
CA PHE A 32 -11.99 4.61 -0.17
C PHE A 32 -10.47 4.76 -0.03
N ALA A 33 -9.75 5.18 -1.08
CA ALA A 33 -8.27 5.15 -1.12
C ALA A 33 -7.63 6.34 -0.41
N TRP A 34 -8.33 7.46 -0.27
CA TRP A 34 -7.74 8.77 0.11
C TRP A 34 -7.00 8.72 1.46
N PRO A 35 -7.44 7.97 2.50
CA PRO A 35 -6.70 7.94 3.76
C PRO A 35 -5.29 7.38 3.62
N PHE A 36 -5.06 6.63 2.55
CA PHE A 36 -3.78 5.91 2.32
C PHE A 36 -2.88 6.69 1.36
N TYR A 37 -3.28 7.91 0.95
CA TYR A 37 -2.52 8.67 -0.09
C TYR A 37 -1.22 9.17 0.52
N GLN A 38 -1.16 9.30 1.85
CA GLN A 38 0.04 9.82 2.55
C GLN A 38 0.25 9.07 3.86
N PRO A 39 1.46 9.14 4.44
CA PRO A 39 1.76 8.48 5.69
C PRO A 39 0.74 8.91 6.75
N VAL A 40 0.40 7.95 7.59
CA VAL A 40 -0.44 8.27 8.79
C VAL A 40 0.29 9.33 9.60
N ASP A 41 -0.35 10.46 9.85
CA ASP A 41 0.27 11.55 10.64
C ASP A 41 -0.33 11.61 12.05
N ALA A 42 0.41 11.10 13.04
CA ALA A 42 -0.03 10.92 14.45
C ALA A 42 -0.29 12.29 15.06
N ILE A 43 0.40 13.32 14.59
CA ILE A 43 0.20 14.70 15.13
C ILE A 43 -1.09 15.29 14.56
N LYS A 44 -1.20 15.33 13.24
CA LYS A 44 -2.40 15.86 12.56
C LYS A 44 -3.62 15.09 13.02
N LEU A 45 -3.54 13.79 13.24
CA LEU A 45 -4.76 12.98 13.48
C LEU A 45 -4.92 12.70 14.97
N ASN A 46 -4.04 13.22 15.82
CA ASN A 46 -4.13 13.10 17.28
C ASN A 46 -4.21 11.62 17.70
N LEU A 47 -3.17 10.85 17.37
CA LEU A 47 -3.04 9.41 17.66
C LEU A 47 -1.78 9.18 18.51
N PRO A 48 -1.83 9.32 19.83
CA PRO A 48 -0.58 9.34 20.60
C PRO A 48 0.13 7.97 20.61
N ASP A 49 -0.56 6.86 20.38
CA ASP A 49 0.09 5.51 20.50
C ASP A 49 0.40 4.89 19.13
N TYR A 50 0.07 5.56 18.02
CA TYR A 50 0.23 4.95 16.66
C TYR A 50 1.64 4.41 16.49
N HIS A 51 2.65 5.26 16.69
CA HIS A 51 4.05 4.90 16.37
C HIS A 51 4.58 3.90 17.43
N LYS A 52 3.93 3.80 18.60
CA LYS A 52 4.24 2.73 19.59
C LYS A 52 3.74 1.39 19.06
N ILE A 53 2.57 1.40 18.43
CA ILE A 53 1.91 0.11 18.06
C ILE A 53 2.41 -0.31 16.69
N ILE A 54 2.54 0.63 15.77
CA ILE A 54 2.94 0.36 14.37
C ILE A 54 4.38 0.76 14.20
N LYS A 55 5.25 -0.23 14.06
CA LYS A 55 6.70 0.02 13.96
C LYS A 55 7.08 0.17 12.49
N ASN A 56 6.28 -0.26 11.52
CA ASN A 56 6.70 -0.17 10.10
C ASN A 56 5.61 0.52 9.29
N PRO A 57 5.48 1.86 9.41
CA PRO A 57 4.41 2.56 8.73
C PRO A 57 4.56 2.42 7.22
N MET A 58 3.46 2.46 6.46
CA MET A 58 3.49 2.40 4.97
C MET A 58 2.17 2.99 4.44
N ASP A 59 2.23 3.56 3.24
CA ASP A 59 1.10 4.25 2.60
C ASP A 59 1.37 4.24 1.09
N MET A 60 0.33 4.49 0.34
CA MET A 60 0.30 4.25 -1.12
C MET A 60 1.05 5.41 -1.81
N GLY A 61 1.09 6.59 -1.20
CA GLY A 61 1.95 7.68 -1.68
C GLY A 61 3.43 7.28 -1.70
N THR A 62 3.90 6.69 -0.61
CA THR A 62 5.28 6.17 -0.46
C THR A 62 5.54 5.06 -1.48
N ILE A 63 4.60 4.17 -1.69
CA ILE A 63 4.78 3.07 -2.67
C ILE A 63 4.85 3.67 -4.09
N LYS A 64 3.97 4.61 -4.41
CA LYS A 64 3.90 5.29 -5.74
C LYS A 64 5.28 5.92 -6.03
N LYS A 65 5.89 6.56 -5.02
CA LYS A 65 7.22 7.21 -5.17
C LYS A 65 8.36 6.19 -5.32
N ARG A 66 8.37 5.16 -4.50
CA ARG A 66 9.37 4.07 -4.63
C ARG A 66 9.38 3.48 -6.05
N LEU A 67 8.22 3.25 -6.65
CA LEU A 67 8.06 2.70 -8.01
C LEU A 67 8.60 3.69 -9.03
N GLU A 68 8.36 4.98 -8.81
CA GLU A 68 8.83 6.05 -9.72
C GLU A 68 10.35 6.16 -9.64
N ASN A 69 10.95 5.91 -8.48
CA ASN A 69 12.41 6.02 -8.17
C ASN A 69 13.14 4.68 -8.32
N ASN A 70 12.48 3.66 -8.88
CA ASN A 70 13.04 2.30 -9.06
C ASN A 70 13.71 1.86 -7.77
N TYR A 71 13.02 2.07 -6.65
CA TYR A 71 13.48 1.67 -5.30
C TYR A 71 13.51 0.14 -5.19
N TYR A 72 12.55 -0.54 -5.82
CA TYR A 72 12.35 -2.01 -5.64
C TYR A 72 13.19 -2.79 -6.64
N TRP A 73 13.63 -3.98 -6.25
CA TRP A 73 14.33 -4.90 -7.19
C TRP A 73 13.27 -5.81 -7.81
N SER A 74 12.23 -6.10 -7.07
CA SER A 74 11.19 -7.03 -7.58
C SER A 74 9.81 -6.56 -7.14
N ALA A 75 8.79 -6.90 -7.93
CA ALA A 75 7.36 -6.64 -7.63
C ALA A 75 6.97 -7.24 -6.27
N SER A 76 7.56 -8.37 -5.88
CA SER A 76 7.24 -9.04 -4.59
C SER A 76 7.53 -8.07 -3.45
N GLU A 77 8.64 -7.30 -3.54
CA GLU A 77 8.97 -6.27 -2.53
C GLU A 77 7.84 -5.24 -2.40
N CYS A 78 7.39 -4.74 -3.55
CA CYS A 78 6.25 -3.80 -3.67
C CYS A 78 4.96 -4.37 -3.05
N MET A 79 4.65 -5.60 -3.39
CA MET A 79 3.48 -6.31 -2.80
C MET A 79 3.60 -6.35 -1.25
N GLN A 80 4.80 -6.55 -0.72
CA GLN A 80 4.96 -6.65 0.76
C GLN A 80 4.63 -5.29 1.36
N ASP A 81 4.94 -4.19 0.67
CA ASP A 81 4.69 -2.85 1.24
C ASP A 81 3.17 -2.63 1.25
N PHE A 82 2.47 -2.99 0.19
CA PHE A 82 0.97 -2.91 0.20
C PHE A 82 0.46 -3.73 1.39
N ASN A 83 0.99 -4.95 1.54
CA ASN A 83 0.51 -5.82 2.64
C ASN A 83 0.70 -5.13 4.01
N THR A 84 1.88 -4.53 4.25
CA THR A 84 2.20 -3.79 5.48
C THR A 84 1.17 -2.65 5.66
N MET A 85 0.90 -1.90 4.63
CA MET A 85 -0.07 -0.78 4.69
C MET A 85 -1.43 -1.26 5.21
N PHE A 86 -1.94 -2.32 4.59
CA PHE A 86 -3.24 -2.90 5.00
C PHE A 86 -3.19 -3.51 6.44
N THR A 87 -2.20 -4.33 6.73
CA THR A 87 -2.05 -5.01 8.03
C THR A 87 -1.95 -4.00 9.16
N ASN A 88 -1.23 -2.88 8.95
CA ASN A 88 -1.13 -1.82 9.97
C ASN A 88 -2.51 -1.28 10.34
N CYS A 89 -3.29 -1.07 9.32
CA CYS A 89 -4.67 -0.55 9.52
C CYS A 89 -5.46 -1.54 10.36
N TYR A 90 -5.40 -2.83 10.01
CA TYR A 90 -6.20 -3.88 10.70
C TYR A 90 -5.70 -4.01 12.13
N ILE A 91 -4.38 -3.91 12.35
CA ILE A 91 -3.83 -4.10 13.71
C ILE A 91 -4.16 -2.88 14.62
N TYR A 92 -4.01 -1.66 14.09
CA TYR A 92 -4.15 -0.44 14.89
C TYR A 92 -5.60 -0.18 15.28
N ASN A 93 -6.51 -0.35 14.32
CA ASN A 93 -7.91 0.13 14.48
C ASN A 93 -8.77 -0.92 15.16
N LYS A 94 -10.00 -0.55 15.56
CA LYS A 94 -11.02 -1.53 16.08
C LYS A 94 -11.77 -2.22 14.94
N PRO A 95 -12.34 -3.42 15.19
CA PRO A 95 -13.01 -4.19 14.16
C PRO A 95 -14.17 -3.44 13.47
N THR A 96 -14.88 -2.61 14.22
CA THR A 96 -16.09 -1.86 13.81
C THR A 96 -15.69 -0.56 13.09
N ASP A 97 -14.42 -0.16 13.08
CA ASP A 97 -13.98 1.12 12.45
C ASP A 97 -14.18 1.01 10.93
N ASP A 98 -14.72 2.07 10.32
CA ASP A 98 -14.97 2.09 8.86
C ASP A 98 -13.66 2.03 8.10
N ILE A 99 -12.58 2.57 8.68
CA ILE A 99 -11.29 2.52 7.95
C ILE A 99 -10.94 1.05 7.65
N VAL A 100 -11.27 0.13 8.56
CA VAL A 100 -11.02 -1.32 8.37
C VAL A 100 -11.74 -1.82 7.12
N LEU A 101 -12.99 -1.40 6.93
CA LEU A 101 -13.78 -1.88 5.75
C LEU A 101 -13.20 -1.25 4.49
N MET A 102 -12.77 0.01 4.61
CA MET A 102 -12.11 0.71 3.48
C MET A 102 -10.85 -0.06 3.05
N ALA A 103 -9.98 -0.39 4.01
CA ALA A 103 -8.77 -1.19 3.71
C ALA A 103 -9.14 -2.54 3.05
N GLN A 104 -10.13 -3.22 3.57
CA GLN A 104 -10.50 -4.57 3.05
C GLN A 104 -10.96 -4.46 1.59
N ALA A 105 -11.72 -3.43 1.23
CA ALA A 105 -12.18 -3.19 -0.15
C ALA A 105 -10.98 -2.95 -1.05
N LEU A 106 -10.05 -2.08 -0.63
CA LEU A 106 -8.83 -1.81 -1.41
C LEU A 106 -8.03 -3.10 -1.56
N GLU A 107 -7.89 -3.84 -0.47
CA GLU A 107 -7.00 -5.04 -0.51
C GLU A 107 -7.58 -6.11 -1.44
N LYS A 108 -8.92 -6.27 -1.49
CA LYS A 108 -9.57 -7.20 -2.44
C LYS A 108 -9.17 -6.88 -3.89
N ILE A 109 -9.22 -5.61 -4.25
CA ILE A 109 -8.84 -5.14 -5.61
C ILE A 109 -7.36 -5.39 -5.84
N PHE A 110 -6.53 -5.02 -4.86
CA PHE A 110 -5.08 -5.27 -4.92
C PHE A 110 -4.86 -6.73 -5.32
N LEU A 111 -5.46 -7.65 -4.60
CA LEU A 111 -5.26 -9.12 -4.81
C LEU A 111 -5.76 -9.58 -6.18
N GLN A 112 -6.94 -9.13 -6.59
CA GLN A 112 -7.45 -9.37 -7.98
C GLN A 112 -6.37 -8.94 -9.01
N LYS A 113 -5.78 -7.75 -8.87
CA LYS A 113 -4.75 -7.23 -9.82
C LYS A 113 -3.49 -8.09 -9.73
N VAL A 114 -3.06 -8.42 -8.52
CA VAL A 114 -1.85 -9.26 -8.35
C VAL A 114 -2.06 -10.60 -9.07
N ALA A 115 -3.27 -11.14 -9.09
CA ALA A 115 -3.53 -12.49 -9.65
C ALA A 115 -3.38 -12.45 -11.18
N GLN A 116 -3.67 -11.30 -11.80
CA GLN A 116 -3.58 -11.11 -13.28
C GLN A 116 -2.21 -10.59 -13.68
N MET A 117 -1.32 -10.35 -12.72
CA MET A 117 0.00 -9.75 -12.99
C MET A 117 0.75 -10.71 -13.89
N PRO A 118 1.49 -10.22 -14.91
CA PRO A 118 2.30 -11.10 -15.76
C PRO A 118 3.41 -11.82 -14.96
N GLN A 119 3.62 -13.12 -15.19
CA GLN A 119 4.72 -13.86 -14.51
C GLN A 119 6.06 -13.18 -14.81
N GLU A 120 7.01 -13.27 -13.87
CA GLU A 120 8.35 -12.69 -14.12
C GLU A 120 9.14 -13.56 -15.08
N GLU A 121 9.90 -12.94 -15.97
CA GLU A 121 10.75 -13.67 -16.96
C GLU A 121 9.94 -14.77 -17.64
C 8L6 B . -6.77 5.98 13.11
O 8L6 B . -6.26 4.60 10.69
C1 8L6 B . -7.73 6.18 11.87
C10 8L6 B . -9.11 7.80 13.36
C11 8L6 B . -10.54 8.41 13.09
C12 8L6 B . -10.77 7.90 11.69
C13 8L6 B . -12.10 8.14 11.00
C14 8L6 B . -12.96 9.01 11.76
C15 8L6 B . -14.35 9.05 11.11
C16 8L6 B . -14.48 9.12 9.61
C17 8L6 B . -13.26 8.81 8.72
C18 8L6 B . -12.59 10.08 8.17
C19 8L6 B . -12.11 8.03 9.47
C2 8L6 B . -6.54 5.95 10.95
C20 8L6 B . -10.73 7.94 8.77
C21 8L6 B . -9.57 7.36 9.61
C22 8L6 B . -9.45 8.07 10.97
C23 8L6 B . -9.19 9.55 10.70
C24 8L6 B . -8.17 10.62 8.69
C25 8L6 B . -9.14 11.66 8.92
C26 8L6 B . -15.85 9.45 9.02
C27 8L6 B . -16.31 8.36 8.08
C28 8L6 B . -15.32 7.66 7.46
C29 8L6 B . -13.85 7.95 7.62
C3 8L6 B . -5.45 4.22 9.70
C4 8L6 B . -5.18 5.14 8.63
C5 8L6 B . -4.69 4.64 7.33
C6 8L6 B . -5.32 6.46 8.81
C7 8L6 B . -4.80 7.49 7.84
C8 8L6 B . -6.12 7.00 9.96
C9 8L6 B . -8.39 7.61 12.00
O1 8L6 B . -5.03 3.07 9.84
O2 8L6 B . -8.71 5.15 12.08
O3 8L6 B . -7.30 8.61 12.04
O4 8L6 B . -11.04 6.49 11.77
O5 8L6 B . -8.24 9.56 9.67
O6 8L6 B . -7.39 10.62 7.73
O7 8L6 B . -14.15 10.26 10.41
O8 8L6 B . -13.09 7.56 6.74
#